data_9RES
#
_entry.id   9RES
#
_cell.length_a   52.169
_cell.length_b   71.799
_cell.length_c   98.977
_cell.angle_alpha   90.000
_cell.angle_beta   90.000
_cell.angle_gamma   90.000
#
_symmetry.space_group_name_H-M   'P 21 21 21'
#
loop_
_entity.id
_entity.type
_entity.pdbx_description
1 polymer 'cAMP-dependent protein kinase catalytic subunit alpha'
2 non-polymer (2~{S},3~{R},4~{R})-4-azanyl-2-(diethylaminomethyl)oxolan-3-ol
3 non-polymer 'DIMETHYL SULFOXIDE'
4 water water
#
_entity_poly.entity_id   1
_entity_poly.type   'polypeptide(L)'
_entity_poly.pdbx_seq_one_letter_code
;GHMGNAAAAKKGSEQESVKEFLAKAKEEFLKKWESPSQNTAQLDHFDRIKTLGTGSFGRVMLVKHKETGNHYAMKILDKQ
KVVKLKQIEHTLNEKRILQAVNFPFLVKLEFSFKDNSNLYMVMEYVPGGEMFSHLRRIGRF(SEP)EPHARFYAAQIVLT
FEYLHSLDLIYRDLKPENLLIDQQGYIQVTDFGFAKRVKGRTW(TPO)LCGTPEYLAPEIILSKGYNKAVDWWALGVLIY
EMAAGYPPFFADQPIQIYEKIVSGKVRFPSHFSSDLKDLLRNLLQVDLTKRFGNLKNGVNDIKNHKWFATTDWIAIYQRK
VEAPFIPKFKGPGDTSNFDDYEEEEIRV(SEP)INEKCGKEFTEF
;
_entity_poly.pdbx_strand_id   A
#
# COMPACT_ATOMS: atom_id res chain seq x y z
N GLU A 14 4.82 7.80 24.98
CA GLU A 14 3.47 7.98 24.44
C GLU A 14 2.42 7.89 25.55
N GLN A 15 1.20 8.32 25.26
CA GLN A 15 0.12 8.19 26.22
C GLN A 15 -0.24 6.72 26.40
N GLU A 16 -0.67 6.37 27.61
CA GLU A 16 -1.01 4.98 27.93
C GLU A 16 -2.12 4.45 27.02
N SER A 17 -3.03 5.33 26.59
CA SER A 17 -4.10 4.86 25.70
C SER A 17 -3.55 4.42 24.36
N VAL A 18 -2.54 5.12 23.84
CA VAL A 18 -1.90 4.72 22.58
C VAL A 18 -1.15 3.40 22.76
N LYS A 19 -0.38 3.30 23.84
CA LYS A 19 0.36 2.06 24.12
C LYS A 19 -0.59 0.86 24.28
N GLU A 20 -1.73 1.06 24.96
CA GLU A 20 -2.63 -0.08 25.13
C GLU A 20 -3.34 -0.41 23.81
N PHE A 21 -3.69 0.60 23.02
CA PHE A 21 -4.27 0.36 21.70
C PHE A 21 -3.36 -0.51 20.85
N LEU A 22 -2.07 -0.18 20.80
CA LEU A 22 -1.14 -0.94 19.97
C LEU A 22 -0.86 -2.32 20.54
N ALA A 23 -0.83 -2.46 21.87
CA ALA A 23 -0.67 -3.79 22.48
C ALA A 23 -1.83 -4.70 22.12
N LYS A 24 -3.07 -4.19 22.17
CA LYS A 24 -4.21 -5.01 21.78
C LYS A 24 -4.16 -5.33 20.29
N ALA A 25 -3.73 -4.36 19.47
CA ALA A 25 -3.65 -4.61 18.04
C ALA A 25 -2.70 -5.76 17.74
N LYS A 26 -1.58 -5.84 18.47
CA LYS A 26 -0.60 -6.89 18.23
C LYS A 26 -1.12 -8.25 18.69
N GLU A 27 -1.81 -8.28 19.84
CA GLU A 27 -2.45 -9.51 20.30
C GLU A 27 -3.40 -10.08 19.25
N GLU A 28 -4.25 -9.23 18.68
CA GLU A 28 -5.25 -9.70 17.72
C GLU A 28 -4.60 -10.14 16.41
N PHE A 29 -3.57 -9.42 15.97
CA PHE A 29 -2.82 -9.83 14.79
C PHE A 29 -2.16 -11.19 14.99
N LEU A 30 -1.51 -11.40 16.15
CA LEU A 30 -0.77 -12.64 16.35
C LEU A 30 -1.66 -13.87 16.35
N LYS A 31 -2.89 -13.74 16.87
CA LYS A 31 -3.82 -14.87 16.88
C LYS A 31 -4.16 -15.34 15.47
N LYS A 32 -4.43 -14.40 14.55
CA LYS A 32 -4.70 -14.78 13.17
C LYS A 32 -3.43 -15.17 12.41
N TRP A 33 -2.29 -14.56 12.76
CA TRP A 33 -1.01 -14.90 12.14
C TRP A 33 -0.67 -16.37 12.35
N GLU A 34 -0.91 -16.88 13.55
CA GLU A 34 -0.54 -18.25 13.90
C GLU A 34 -1.58 -19.28 13.45
N SER A 35 -2.79 -18.86 13.09
CA SER A 35 -3.82 -19.78 12.58
C SER A 35 -4.51 -19.18 11.37
N PRO A 36 -3.84 -19.16 10.22
CA PRO A 36 -4.40 -18.43 9.06
C PRO A 36 -5.65 -19.09 8.50
N SER A 37 -6.55 -18.25 7.99
N SER A 37 -6.54 -18.24 7.97
CA SER A 37 -7.72 -18.77 7.29
CA SER A 37 -7.72 -18.73 7.26
C SER A 37 -7.33 -19.25 5.89
C SER A 37 -7.34 -19.24 5.87
N GLN A 38 -8.02 -20.29 5.43
CA GLN A 38 -7.79 -20.89 4.11
C GLN A 38 -9.10 -21.34 3.51
N ASN A 39 -9.18 -21.28 2.17
CA ASN A 39 -10.20 -21.99 1.38
C ASN A 39 -11.62 -21.57 1.76
N THR A 40 -11.88 -20.26 1.74
CA THR A 40 -13.14 -19.77 2.26
C THR A 40 -14.18 -19.41 1.18
N ALA A 41 -13.89 -19.64 -0.10
CA ALA A 41 -14.88 -19.57 -1.18
C ALA A 41 -14.36 -20.39 -2.37
N GLN A 42 -15.03 -20.29 -3.52
CA GLN A 42 -14.56 -20.89 -4.75
C GLN A 42 -15.00 -20.03 -5.94
N LEU A 43 -14.42 -20.30 -7.11
CA LEU A 43 -14.55 -19.39 -8.26
C LEU A 43 -15.99 -19.30 -8.77
N ASP A 44 -16.71 -20.42 -8.86
CA ASP A 44 -18.06 -20.37 -9.42
C ASP A 44 -19.09 -19.81 -8.43
N HIS A 45 -18.64 -19.30 -7.27
CA HIS A 45 -19.50 -18.50 -6.40
C HIS A 45 -19.67 -17.07 -6.88
N PHE A 46 -18.93 -16.64 -7.92
CA PHE A 46 -18.88 -15.26 -8.37
C PHE A 46 -19.19 -15.16 -9.86
N ASP A 47 -19.78 -14.03 -10.28
CA ASP A 47 -19.90 -13.62 -11.67
C ASP A 47 -18.78 -12.60 -11.98
N ARG A 48 -18.10 -12.78 -13.10
CA ARG A 48 -17.08 -11.83 -13.54
C ARG A 48 -17.70 -10.63 -14.27
N ILE A 49 -17.27 -9.42 -13.93
N ILE A 49 -17.24 -9.41 -13.93
CA ILE A 49 -17.78 -8.20 -14.56
CA ILE A 49 -17.81 -8.16 -14.47
C ILE A 49 -16.73 -7.58 -15.48
C ILE A 49 -16.83 -7.42 -15.39
N LYS A 50 -15.58 -7.19 -14.93
CA LYS A 50 -14.65 -6.36 -15.70
C LYS A 50 -13.23 -6.49 -15.16
N THR A 51 -12.24 -6.45 -16.05
CA THR A 51 -10.84 -6.40 -15.63
C THR A 51 -10.48 -4.96 -15.22
N LEU A 52 -9.97 -4.79 -13.99
CA LEU A 52 -9.60 -3.47 -13.47
C LEU A 52 -8.11 -3.17 -13.56
N GLY A 53 -7.27 -4.16 -13.83
CA GLY A 53 -5.83 -3.95 -13.94
C GLY A 53 -5.14 -5.26 -14.27
N THR A 54 -3.96 -5.15 -14.86
N THR A 54 -3.94 -5.14 -14.83
CA THR A 54 -3.19 -6.32 -15.24
CA THR A 54 -3.18 -6.29 -15.29
C THR A 54 -1.71 -6.07 -14.94
C THR A 54 -1.70 -6.08 -15.03
N GLY A 55 -0.99 -7.18 -14.78
CA GLY A 55 0.44 -7.13 -14.52
C GLY A 55 1.17 -8.39 -14.97
N SER A 56 2.45 -8.53 -14.58
CA SER A 56 3.29 -9.63 -15.07
C SER A 56 2.87 -10.99 -14.52
N PHE A 57 2.19 -11.03 -13.37
CA PHE A 57 1.86 -12.29 -12.71
C PHE A 57 0.36 -12.59 -12.67
N GLY A 58 -0.49 -11.62 -12.99
CA GLY A 58 -1.93 -11.81 -12.88
C GLY A 58 -2.69 -10.52 -13.15
N ARG A 59 -3.88 -10.42 -12.54
CA ARG A 59 -4.79 -9.31 -12.82
C ARG A 59 -5.74 -9.10 -11.65
N VAL A 60 -6.46 -7.99 -11.66
CA VAL A 60 -7.52 -7.70 -10.70
C VAL A 60 -8.83 -7.50 -11.47
N MET A 61 -9.89 -8.19 -11.03
CA MET A 61 -11.19 -8.15 -11.69
C MET A 61 -12.31 -7.74 -10.73
N LEU A 62 -13.26 -6.95 -11.20
CA LEU A 62 -14.50 -6.73 -10.46
C LEU A 62 -15.37 -7.97 -10.61
N VAL A 63 -15.89 -8.48 -9.49
CA VAL A 63 -16.77 -9.65 -9.46
C VAL A 63 -17.98 -9.35 -8.57
N LYS A 64 -19.04 -10.14 -8.75
CA LYS A 64 -20.24 -10.03 -7.92
C LYS A 64 -20.55 -11.41 -7.34
N HIS A 65 -20.73 -11.48 -6.02
CA HIS A 65 -21.10 -12.73 -5.37
C HIS A 65 -22.53 -13.11 -5.72
N LYS A 66 -22.72 -14.35 -6.21
CA LYS A 66 -23.98 -14.72 -6.84
C LYS A 66 -25.12 -14.85 -5.82
N GLU A 67 -24.81 -15.17 -4.56
CA GLU A 67 -25.86 -15.35 -3.56
C GLU A 67 -26.21 -14.05 -2.82
N THR A 68 -25.23 -13.22 -2.50
CA THR A 68 -25.46 -12.01 -1.74
C THR A 68 -25.61 -10.75 -2.58
N GLY A 69 -25.10 -10.77 -3.82
CA GLY A 69 -25.09 -9.58 -4.66
C GLY A 69 -24.00 -8.57 -4.33
N ASN A 70 -23.10 -8.89 -3.42
CA ASN A 70 -22.03 -7.97 -3.05
C ASN A 70 -20.92 -7.95 -4.10
N HIS A 71 -20.35 -6.77 -4.32
CA HIS A 71 -19.23 -6.59 -5.24
C HIS A 71 -17.90 -6.75 -4.50
N TYR A 72 -16.92 -7.32 -5.20
CA TYR A 72 -15.55 -7.48 -4.68
C TYR A 72 -14.51 -7.26 -5.77
N ALA A 73 -13.27 -6.96 -5.35
CA ALA A 73 -12.11 -6.93 -6.23
C ALA A 73 -11.34 -8.24 -6.05
N MET A 74 -11.28 -9.07 -7.10
CA MET A 74 -10.64 -10.39 -7.05
C MET A 74 -9.28 -10.32 -7.72
N LYS A 75 -8.20 -10.55 -6.97
CA LYS A 75 -6.87 -10.61 -7.56
C LYS A 75 -6.53 -12.06 -7.90
N ILE A 76 -6.08 -12.29 -9.13
CA ILE A 76 -5.80 -13.62 -9.68
C ILE A 76 -4.33 -13.69 -10.01
N LEU A 77 -3.61 -14.63 -9.40
CA LEU A 77 -2.19 -14.86 -9.67
C LEU A 77 -1.99 -16.22 -10.33
N ASP A 78 -1.31 -16.24 -11.47
CA ASP A 78 -0.99 -17.47 -12.18
C ASP A 78 0.20 -18.17 -11.52
N LYS A 79 -0.04 -19.38 -10.99
CA LYS A 79 1.00 -20.06 -10.22
C LYS A 79 2.24 -20.34 -11.06
N GLN A 80 2.09 -20.56 -12.36
CA GLN A 80 3.24 -20.88 -13.19
C GLN A 80 4.10 -19.67 -13.53
N LYS A 81 3.64 -18.45 -13.27
CA LYS A 81 4.50 -17.28 -13.44
C LYS A 81 5.24 -16.90 -12.14
N VAL A 82 4.98 -17.62 -11.05
CA VAL A 82 5.63 -17.36 -9.76
C VAL A 82 6.75 -18.39 -9.59
N VAL A 83 7.90 -18.12 -10.20
CA VAL A 83 8.93 -19.13 -10.39
C VAL A 83 10.09 -19.00 -9.40
N LYS A 84 10.56 -17.78 -9.14
CA LYS A 84 11.71 -17.59 -8.26
C LYS A 84 11.35 -17.86 -6.81
N LEU A 85 12.37 -18.28 -6.04
CA LEU A 85 12.17 -18.53 -4.61
C LEU A 85 11.58 -17.32 -3.90
N LYS A 86 12.10 -16.11 -4.19
CA LYS A 86 11.61 -14.93 -3.51
C LYS A 86 10.20 -14.55 -3.97
N GLN A 87 9.83 -14.89 -5.20
CA GLN A 87 8.46 -14.63 -5.67
C GLN A 87 7.45 -15.49 -4.90
N ILE A 88 7.79 -16.75 -4.64
CA ILE A 88 6.91 -17.62 -3.86
C ILE A 88 6.78 -17.11 -2.44
N GLU A 89 7.91 -16.74 -1.82
CA GLU A 89 7.91 -16.18 -0.47
C GLU A 89 7.00 -14.95 -0.39
N HIS A 90 7.11 -14.05 -1.37
CA HIS A 90 6.31 -12.82 -1.34
C HIS A 90 4.82 -13.11 -1.49
N THR A 91 4.47 -14.07 -2.36
CA THR A 91 3.07 -14.44 -2.54
C THR A 91 2.45 -14.98 -1.25
N LEU A 92 3.22 -15.80 -0.50
CA LEU A 92 2.73 -16.32 0.77
C LEU A 92 2.68 -15.24 1.85
N ASN A 93 3.69 -14.34 1.88
CA ASN A 93 3.67 -13.18 2.77
C ASN A 93 2.37 -12.40 2.61
N GLU A 94 2.01 -12.07 1.35
CA GLU A 94 0.88 -11.17 1.09
C GLU A 94 -0.41 -11.70 1.70
N LYS A 95 -0.73 -12.98 1.44
CA LYS A 95 -2.01 -13.50 1.92
C LYS A 95 -2.00 -13.72 3.44
N ARG A 96 -0.88 -14.19 4.00
CA ARG A 96 -0.85 -14.42 5.44
C ARG A 96 -0.98 -13.12 6.23
N ILE A 97 -0.34 -12.05 5.75
CA ILE A 97 -0.44 -10.76 6.44
C ILE A 97 -1.83 -10.16 6.26
N LEU A 98 -2.36 -10.18 5.03
CA LEU A 98 -3.63 -9.52 4.79
C LEU A 98 -4.77 -10.16 5.57
N GLN A 99 -4.77 -11.50 5.71
CA GLN A 99 -5.85 -12.11 6.49
C GLN A 99 -5.74 -11.84 7.99
N ALA A 100 -4.60 -11.31 8.47
CA ALA A 100 -4.37 -11.10 9.89
C ALA A 100 -4.50 -9.64 10.36
N VAL A 101 -4.54 -8.65 9.46
CA VAL A 101 -4.51 -7.24 9.86
C VAL A 101 -5.92 -6.66 9.90
N ASN A 102 -6.04 -5.50 10.57
CA ASN A 102 -7.31 -4.81 10.77
C ASN A 102 -7.01 -3.35 11.14
N PHE A 103 -7.31 -2.41 10.24
CA PHE A 103 -7.03 -1.00 10.48
C PHE A 103 -7.90 -0.17 9.52
N PRO A 104 -8.32 1.04 9.91
CA PRO A 104 -9.32 1.75 9.08
C PRO A 104 -8.88 2.07 7.66
N PHE A 105 -7.57 2.14 7.39
CA PHE A 105 -7.06 2.60 6.09
C PHE A 105 -6.39 1.48 5.31
N LEU A 106 -6.69 0.21 5.65
CA LEU A 106 -6.24 -0.96 4.90
C LEU A 106 -7.43 -1.66 4.25
N VAL A 107 -7.29 -2.02 2.97
CA VAL A 107 -8.34 -2.78 2.29
C VAL A 107 -8.49 -4.14 2.97
N LYS A 108 -9.74 -4.58 3.13
CA LYS A 108 -10.03 -5.82 3.83
C LYS A 108 -10.09 -7.02 2.87
N LEU A 109 -9.43 -8.10 3.26
CA LEU A 109 -9.56 -9.39 2.57
C LEU A 109 -10.81 -10.10 3.09
N GLU A 110 -11.69 -10.48 2.17
CA GLU A 110 -12.93 -11.18 2.52
C GLU A 110 -12.86 -12.68 2.29
N PHE A 111 -12.22 -13.14 1.21
CA PHE A 111 -12.09 -14.57 0.91
C PHE A 111 -10.74 -14.84 0.29
N SER A 112 -10.25 -16.09 0.43
CA SER A 112 -9.14 -16.56 -0.39
C SER A 112 -9.34 -18.05 -0.72
N PHE A 113 -8.73 -18.49 -1.84
CA PHE A 113 -8.77 -19.89 -2.28
C PHE A 113 -7.81 -20.09 -3.45
N LYS A 114 -7.62 -21.36 -3.84
CA LYS A 114 -6.75 -21.71 -4.97
C LYS A 114 -7.39 -22.84 -5.77
N ASP A 115 -6.96 -23.00 -7.02
CA ASP A 115 -7.38 -24.14 -7.84
C ASP A 115 -6.15 -24.68 -8.56
N ASN A 116 -6.38 -25.48 -9.61
CA ASN A 116 -5.27 -26.13 -10.31
C ASN A 116 -4.26 -25.13 -10.87
N SER A 117 -4.72 -23.94 -11.26
CA SER A 117 -3.86 -23.01 -12.00
C SER A 117 -3.52 -21.73 -11.25
N ASN A 118 -4.39 -21.22 -10.38
CA ASN A 118 -4.28 -19.85 -9.89
C ASN A 118 -4.44 -19.78 -8.37
N LEU A 119 -3.93 -18.68 -7.81
CA LEU A 119 -4.24 -18.23 -6.46
C LEU A 119 -5.20 -17.05 -6.52
N TYR A 120 -6.15 -16.98 -5.59
CA TYR A 120 -7.20 -15.95 -5.59
C TYR A 120 -7.28 -15.24 -4.24
N MET A 121 -7.29 -13.91 -4.26
CA MET A 121 -7.54 -13.08 -3.08
C MET A 121 -8.71 -12.15 -3.38
N VAL A 122 -9.79 -12.26 -2.60
CA VAL A 122 -11.03 -11.52 -2.85
C VAL A 122 -11.15 -10.40 -1.79
N MET A 123 -11.02 -9.14 -2.23
N MET A 123 -11.05 -9.14 -2.22
CA MET A 123 -10.96 -7.94 -1.38
CA MET A 123 -11.02 -8.00 -1.32
C MET A 123 -12.25 -7.13 -1.51
C MET A 123 -12.26 -7.15 -1.50
N GLU A 124 -12.50 -6.27 -0.53
CA GLU A 124 -13.55 -5.26 -0.71
C GLU A 124 -13.24 -4.42 -1.93
N TYR A 125 -14.28 -4.06 -2.70
CA TYR A 125 -14.13 -3.19 -3.86
C TYR A 125 -14.28 -1.72 -3.46
N VAL A 126 -13.29 -0.91 -3.78
CA VAL A 126 -13.25 0.53 -3.49
C VAL A 126 -13.47 1.31 -4.79
N PRO A 127 -14.65 1.89 -5.03
CA PRO A 127 -14.99 2.36 -6.38
C PRO A 127 -14.42 3.71 -6.76
N GLY A 128 -13.78 4.45 -5.85
CA GLY A 128 -13.33 5.79 -6.18
C GLY A 128 -12.07 5.91 -7.01
N GLY A 129 -11.33 4.81 -7.21
CA GLY A 129 -10.15 4.83 -8.03
C GLY A 129 -8.86 5.10 -7.27
N GLU A 130 -7.76 5.04 -8.01
CA GLU A 130 -6.42 5.25 -7.45
C GLU A 130 -6.10 6.72 -7.23
N MET A 131 -5.42 7.04 -6.12
CA MET A 131 -4.93 8.40 -5.93
C MET A 131 -4.15 8.89 -7.13
N PHE A 132 -3.34 8.02 -7.75
CA PHE A 132 -2.52 8.40 -8.90
C PHE A 132 -3.35 9.08 -10.00
N SER A 133 -4.52 8.50 -10.31
N SER A 133 -4.53 8.54 -10.30
CA SER A 133 -5.39 9.07 -11.33
CA SER A 133 -5.33 9.12 -11.38
C SER A 133 -5.82 10.49 -10.97
C SER A 133 -5.87 10.49 -10.99
N HIS A 134 -6.32 10.66 -9.74
CA HIS A 134 -6.81 11.97 -9.31
C HIS A 134 -5.68 13.01 -9.26
N LEU A 135 -4.47 12.58 -8.82
CA LEU A 135 -3.35 13.50 -8.76
C LEU A 135 -2.92 13.98 -10.15
N ARG A 136 -2.87 13.07 -11.13
CA ARG A 136 -2.49 13.47 -12.49
C ARG A 136 -3.57 14.31 -13.15
N ARG A 137 -4.84 14.09 -12.80
CA ARG A 137 -5.89 14.90 -13.42
C ARG A 137 -5.85 16.35 -12.92
N ILE A 138 -5.65 16.54 -11.62
CA ILE A 138 -5.66 17.90 -11.04
C ILE A 138 -4.32 18.59 -11.26
N GLY A 139 -3.21 17.86 -11.21
CA GLY A 139 -1.90 18.46 -11.37
C GLY A 139 -1.08 18.33 -10.11
N ARG A 140 -1.52 18.98 -9.02
CA ARG A 140 -0.92 18.80 -7.69
C ARG A 140 -2.00 19.05 -6.64
N PHE A 141 -1.76 18.54 -5.43
CA PHE A 141 -2.65 18.80 -4.28
C PHE A 141 -2.12 19.98 -3.46
N GLU A 143 -1.33 21.93 0.09
CA GLU A 143 -0.69 21.33 1.26
C GLU A 143 -1.72 20.76 2.26
N PRO A 144 -2.84 21.44 2.54
CA PRO A 144 -3.85 20.80 3.42
C PRO A 144 -4.38 19.49 2.86
N HIS A 145 -4.57 19.41 1.54
CA HIS A 145 -5.02 18.16 0.89
C HIS A 145 -3.98 17.04 1.04
N ALA A 146 -2.73 17.32 0.66
CA ALA A 146 -1.64 16.36 0.84
C ALA A 146 -1.51 15.91 2.30
N ARG A 147 -1.66 16.86 3.23
CA ARG A 147 -1.53 16.56 4.65
C ARG A 147 -2.62 15.61 5.15
N PHE A 148 -3.86 15.75 4.65
CA PHE A 148 -4.95 14.84 5.01
C PHE A 148 -4.61 13.39 4.65
N TYR A 149 -4.11 13.17 3.41
CA TYR A 149 -3.71 11.82 2.99
C TYR A 149 -2.47 11.35 3.74
N ALA A 150 -1.48 12.24 3.95
CA ALA A 150 -0.24 11.81 4.61
C ALA A 150 -0.49 11.37 6.04
N ALA A 151 -1.40 12.05 6.76
CA ALA A 151 -1.71 11.67 8.14
C ALA A 151 -2.23 10.23 8.22
N GLN A 152 -3.01 9.81 7.22
CA GLN A 152 -3.54 8.43 7.19
C GLN A 152 -2.43 7.42 6.99
N ILE A 153 -1.44 7.76 6.13
CA ILE A 153 -0.27 6.87 5.96
C ILE A 153 0.58 6.81 7.24
N VAL A 154 0.78 7.95 7.92
CA VAL A 154 1.54 7.94 9.19
C VAL A 154 0.91 6.98 10.20
N LEU A 155 -0.42 7.07 10.39
CA LEU A 155 -1.11 6.19 11.34
C LEU A 155 -1.03 4.72 10.89
N THR A 156 -1.17 4.46 9.57
CA THR A 156 -1.10 3.09 9.06
C THR A 156 0.27 2.47 9.27
N PHE A 157 1.35 3.24 9.00
CA PHE A 157 2.70 2.74 9.29
C PHE A 157 2.97 2.57 10.79
N GLU A 158 2.48 3.48 11.64
CA GLU A 158 2.58 3.27 13.09
C GLU A 158 2.00 1.90 13.47
N TYR A 159 0.81 1.58 12.93
CA TYR A 159 0.16 0.28 13.16
C TYR A 159 1.02 -0.88 12.65
N LEU A 160 1.41 -0.84 11.36
CA LEU A 160 2.12 -1.97 10.76
C LEU A 160 3.47 -2.20 11.42
N HIS A 161 4.22 -1.12 11.67
CA HIS A 161 5.56 -1.28 12.25
C HIS A 161 5.46 -1.85 13.66
N SER A 162 4.40 -1.51 14.41
N SER A 162 4.42 -1.47 14.41
CA SER A 162 4.24 -2.04 15.76
CA SER A 162 4.21 -2.05 15.74
C SER A 162 3.91 -3.53 15.78
C SER A 162 4.18 -3.57 15.66
N LEU A 163 3.52 -4.10 14.63
CA LEU A 163 3.35 -5.54 14.42
C LEU A 163 4.60 -6.20 13.85
N ASP A 164 5.72 -5.47 13.76
CA ASP A 164 6.97 -5.92 13.12
C ASP A 164 6.81 -6.15 11.62
N LEU A 165 5.94 -5.38 10.97
CA LEU A 165 5.70 -5.49 9.53
C LEU A 165 6.33 -4.30 8.81
N ILE A 166 6.91 -4.54 7.63
CA ILE A 166 7.35 -3.49 6.72
C ILE A 166 6.48 -3.61 5.47
N TYR A 167 6.07 -2.46 4.91
CA TYR A 167 5.14 -2.45 3.78
C TYR A 167 5.84 -2.55 2.43
N ARG A 168 6.83 -1.70 2.15
CA ARG A 168 7.75 -1.78 1.01
C ARG A 168 7.12 -1.57 -0.39
N ASP A 169 5.88 -1.07 -0.51
CA ASP A 169 5.37 -0.75 -1.84
C ASP A 169 4.58 0.56 -1.85
N LEU A 170 4.93 1.55 -1.02
CA LEU A 170 4.19 2.81 -1.04
C LEU A 170 4.44 3.57 -2.35
N LYS A 171 3.34 3.90 -3.04
CA LYS A 171 3.31 4.69 -4.27
C LYS A 171 1.85 5.07 -4.53
N PRO A 172 1.60 6.13 -5.31
CA PRO A 172 0.21 6.61 -5.47
C PRO A 172 -0.75 5.61 -6.07
N GLU A 173 -0.28 4.67 -6.90
N GLU A 173 -0.29 4.67 -6.91
CA GLU A 173 -1.13 3.67 -7.51
CA GLU A 173 -1.21 3.70 -7.49
C GLU A 173 -1.73 2.69 -6.50
C GLU A 173 -1.81 2.78 -6.43
N ASN A 174 -1.11 2.56 -5.32
CA ASN A 174 -1.58 1.62 -4.31
C ASN A 174 -2.52 2.23 -3.27
N LEU A 175 -2.89 3.51 -3.42
CA LEU A 175 -3.75 4.20 -2.46
C LEU A 175 -5.10 4.46 -3.13
N LEU A 176 -6.11 3.70 -2.74
CA LEU A 176 -7.44 3.87 -3.33
C LEU A 176 -8.24 4.86 -2.50
N ILE A 177 -9.14 5.61 -3.17
CA ILE A 177 -9.98 6.60 -2.49
C ILE A 177 -11.41 6.06 -2.38
N ASP A 178 -11.94 6.04 -1.16
CA ASP A 178 -13.21 5.37 -0.88
C ASP A 178 -14.38 6.38 -0.92
N GLN A 179 -15.58 5.88 -0.58
CA GLN A 179 -16.80 6.68 -0.74
C GLN A 179 -16.83 7.91 0.16
N GLN A 180 -16.02 7.95 1.22
CA GLN A 180 -15.92 9.13 2.09
C GLN A 180 -14.72 10.01 1.76
N GLY A 181 -13.99 9.71 0.68
CA GLY A 181 -12.79 10.44 0.35
C GLY A 181 -11.55 10.06 1.14
N TYR A 182 -11.57 8.96 1.89
CA TYR A 182 -10.42 8.51 2.68
C TYR A 182 -9.63 7.44 1.92
N ILE A 183 -8.40 7.19 2.37
N ILE A 183 -8.45 7.15 2.46
CA ILE A 183 -7.48 6.25 1.72
CA ILE A 183 -7.48 6.24 1.86
C ILE A 183 -7.73 4.83 2.21
C ILE A 183 -7.79 4.80 2.23
N GLN A 184 -7.67 3.89 1.25
CA GLN A 184 -7.56 2.46 1.52
C GLN A 184 -6.30 1.93 0.83
N VAL A 185 -5.36 1.40 1.60
CA VAL A 185 -4.10 0.89 1.04
C VAL A 185 -4.30 -0.53 0.54
N THR A 186 -3.86 -0.78 -0.71
CA THR A 186 -3.94 -2.10 -1.32
C THR A 186 -2.56 -2.55 -1.80
N ASP A 187 -2.48 -3.82 -2.15
CA ASP A 187 -1.28 -4.55 -2.62
C ASP A 187 -0.24 -4.73 -1.51
N PHE A 188 -0.32 -5.87 -0.83
CA PHE A 188 0.66 -6.28 0.17
C PHE A 188 1.71 -7.25 -0.39
N GLY A 189 1.98 -7.19 -1.69
CA GLY A 189 2.88 -8.15 -2.33
C GLY A 189 4.32 -8.12 -1.84
N PHE A 190 4.80 -6.95 -1.40
CA PHE A 190 6.15 -6.85 -0.83
C PHE A 190 6.15 -6.75 0.69
N ALA A 191 4.98 -6.81 1.35
CA ALA A 191 4.93 -6.69 2.82
C ALA A 191 5.54 -7.92 3.49
N LYS A 192 6.21 -7.72 4.62
CA LYS A 192 6.92 -8.83 5.27
C LYS A 192 7.02 -8.60 6.77
N ARG A 193 6.95 -9.70 7.54
CA ARG A 193 7.19 -9.65 8.99
C ARG A 193 8.68 -9.84 9.26
N VAL A 194 9.27 -8.85 9.94
CA VAL A 194 10.71 -8.67 10.02
C VAL A 194 11.05 -8.29 11.46
N LYS A 195 11.78 -9.16 12.14
CA LYS A 195 12.45 -8.78 13.38
C LYS A 195 13.92 -8.58 13.05
N GLY A 196 14.34 -7.32 13.05
CA GLY A 196 15.70 -6.97 12.69
C GLY A 196 15.78 -6.32 11.32
N ARG A 197 16.54 -6.93 10.41
CA ARG A 197 16.81 -6.42 9.07
C ARG A 197 16.25 -7.39 8.03
N THR A 198 16.17 -6.91 6.79
CA THR A 198 15.85 -7.74 5.65
C THR A 198 16.64 -7.23 4.45
N TRP A 199 16.72 -8.05 3.38
CA TRP A 199 17.67 -7.78 2.29
C TRP A 199 17.15 -7.79 0.84
N LEU A 201 15.86 -7.02 -2.81
CA LEU A 201 15.67 -5.87 -3.70
C LEU A 201 14.24 -5.90 -4.27
N CYS A 202 13.40 -4.95 -3.87
CA CYS A 202 12.03 -4.86 -4.37
C CYS A 202 11.53 -3.43 -4.17
N GLY A 203 10.57 -3.05 -5.02
CA GLY A 203 9.99 -1.71 -5.03
C GLY A 203 10.19 -0.95 -6.32
N THR A 204 9.35 0.06 -6.58
CA THR A 204 9.46 0.86 -7.79
C THR A 204 10.62 1.85 -7.66
N PRO A 205 11.42 2.04 -8.74
CA PRO A 205 12.67 2.80 -8.61
C PRO A 205 12.53 4.19 -7.97
N GLU A 206 11.52 4.96 -8.37
CA GLU A 206 11.35 6.32 -7.85
C GLU A 206 11.17 6.37 -6.33
N TYR A 207 10.72 5.28 -5.70
CA TYR A 207 10.39 5.29 -4.28
C TYR A 207 11.41 4.56 -3.41
N LEU A 208 12.49 4.02 -4.00
CA LEU A 208 13.47 3.22 -3.27
C LEU A 208 14.40 4.05 -2.40
N ALA A 209 14.58 3.64 -1.14
CA ALA A 209 15.53 4.29 -0.27
C ALA A 209 16.97 3.95 -0.67
N PRO A 210 17.93 4.84 -0.35
CA PRO A 210 19.33 4.54 -0.71
C PRO A 210 19.83 3.18 -0.23
N GLU A 211 19.47 2.74 0.98
CA GLU A 211 20.03 1.49 1.48
C GLU A 211 19.50 0.26 0.74
N ILE A 212 18.34 0.34 0.08
CA ILE A 212 17.92 -0.75 -0.80
C ILE A 212 18.78 -0.76 -2.07
N ILE A 213 19.02 0.41 -2.65
CA ILE A 213 19.82 0.51 -3.87
C ILE A 213 21.24 -0.01 -3.66
N LEU A 214 21.82 0.27 -2.48
CA LEU A 214 23.19 -0.14 -2.17
C LEU A 214 23.28 -1.57 -1.63
N SER A 215 22.20 -2.35 -1.67
CA SER A 215 22.21 -3.77 -1.29
C SER A 215 22.60 -3.98 0.17
N LYS A 216 22.15 -3.09 1.04
CA LYS A 216 22.37 -3.22 2.48
C LYS A 216 21.22 -3.99 3.12
N GLY A 217 21.47 -4.44 4.36
CA GLY A 217 20.37 -4.88 5.19
C GLY A 217 19.61 -3.65 5.69
N TYR A 218 18.28 -3.68 5.56
CA TYR A 218 17.49 -2.48 5.84
C TYR A 218 16.29 -2.81 6.73
N ASN A 219 15.60 -1.78 7.21
CA ASN A 219 14.52 -1.94 8.20
C ASN A 219 13.36 -1.01 7.83
N LYS A 220 12.46 -0.77 8.81
CA LYS A 220 11.27 0.05 8.58
C LYS A 220 11.58 1.48 8.14
N ALA A 221 12.83 1.96 8.30
CA ALA A 221 13.17 3.29 7.79
C ALA A 221 12.90 3.45 6.28
N VAL A 222 12.87 2.36 5.51
CA VAL A 222 12.61 2.51 4.07
C VAL A 222 11.17 2.95 3.81
N ASP A 223 10.23 2.61 4.69
CA ASP A 223 8.84 3.08 4.53
C ASP A 223 8.75 4.59 4.80
N TRP A 224 9.50 5.10 5.79
CA TRP A 224 9.47 6.55 6.06
C TRP A 224 10.12 7.35 4.94
N TRP A 225 11.22 6.83 4.34
CA TRP A 225 11.75 7.45 3.12
C TRP A 225 10.67 7.52 2.02
N ALA A 226 9.97 6.41 1.79
CA ALA A 226 8.97 6.41 0.72
C ALA A 226 7.83 7.39 1.03
N LEU A 227 7.48 7.58 2.32
CA LEU A 227 6.51 8.64 2.67
C LEU A 227 7.01 10.01 2.25
N GLY A 228 8.30 10.31 2.48
CA GLY A 228 8.88 11.56 1.99
C GLY A 228 8.71 11.74 0.48
N VAL A 229 8.93 10.66 -0.30
CA VAL A 229 8.75 10.74 -1.75
C VAL A 229 7.29 10.99 -2.10
N LEU A 230 6.36 10.29 -1.41
CA LEU A 230 4.93 10.45 -1.66
C LEU A 230 4.45 11.86 -1.36
N ILE A 231 4.87 12.43 -0.23
CA ILE A 231 4.41 13.78 0.12
C ILE A 231 4.93 14.80 -0.88
N TYR A 232 6.21 14.68 -1.27
CA TYR A 232 6.76 15.55 -2.30
C TYR A 232 5.95 15.45 -3.58
N GLU A 233 5.66 14.22 -4.04
CA GLU A 233 4.94 14.03 -5.30
C GLU A 233 3.52 14.60 -5.21
N MET A 234 2.82 14.40 -4.10
CA MET A 234 1.48 14.98 -3.94
C MET A 234 1.50 16.50 -4.02
N ALA A 235 2.48 17.15 -3.36
CA ALA A 235 2.50 18.62 -3.27
C ALA A 235 3.14 19.29 -4.49
N ALA A 236 4.04 18.61 -5.20
CA ALA A 236 4.68 19.16 -6.39
C ALA A 236 4.01 18.75 -7.69
N GLY A 237 3.46 17.54 -7.73
CA GLY A 237 2.90 16.99 -8.96
C GLY A 237 3.79 16.01 -9.67
N TYR A 238 5.03 15.84 -9.20
CA TYR A 238 6.02 14.94 -9.78
C TYR A 238 6.92 14.50 -8.63
N PRO A 239 7.57 13.33 -8.75
CA PRO A 239 8.42 12.85 -7.64
C PRO A 239 9.76 13.56 -7.63
N PRO A 240 10.50 13.50 -6.51
CA PRO A 240 11.77 14.25 -6.42
C PRO A 240 12.89 13.69 -7.27
N PHE A 241 12.92 12.38 -7.55
CA PHE A 241 13.99 11.75 -8.32
C PHE A 241 13.38 11.05 -9.54
N PHE A 242 13.71 11.51 -10.75
CA PHE A 242 13.16 10.85 -11.94
C PHE A 242 14.14 10.96 -13.11
N ALA A 243 14.01 10.00 -14.03
CA ALA A 243 14.88 9.86 -15.21
C ALA A 243 14.35 8.70 -16.05
N ASP A 244 14.84 8.61 -17.29
CA ASP A 244 14.34 7.55 -18.19
C ASP A 244 14.88 6.17 -17.83
N GLN A 245 16.09 6.08 -17.28
CA GLN A 245 16.69 4.80 -16.91
C GLN A 245 16.81 4.70 -15.39
N PRO A 246 16.47 3.53 -14.81
CA PRO A 246 16.62 3.35 -13.37
C PRO A 246 17.99 3.71 -12.82
N ILE A 247 19.08 3.35 -13.52
CA ILE A 247 20.42 3.65 -13.02
C ILE A 247 20.59 5.15 -12.82
N GLN A 248 19.99 5.96 -13.70
CA GLN A 248 20.03 7.41 -13.51
C GLN A 248 19.21 7.82 -12.30
N ILE A 249 18.04 7.22 -12.11
CA ILE A 249 17.24 7.51 -10.92
C ILE A 249 18.03 7.17 -9.67
N TYR A 250 18.70 6.01 -9.69
CA TYR A 250 19.48 5.57 -8.52
C TYR A 250 20.60 6.55 -8.18
N GLU A 251 21.31 7.08 -9.20
CA GLU A 251 22.35 8.07 -8.92
C GLU A 251 21.80 9.28 -8.19
N LYS A 252 20.63 9.77 -8.60
CA LYS A 252 20.03 10.92 -7.93
C LYS A 252 19.66 10.60 -6.49
N ILE A 253 19.10 9.41 -6.24
CA ILE A 253 18.66 9.05 -4.89
C ILE A 253 19.84 8.99 -3.93
N VAL A 254 20.94 8.33 -4.31
CA VAL A 254 22.05 8.19 -3.37
C VAL A 254 22.83 9.49 -3.14
N SER A 255 22.64 10.51 -3.99
N SER A 255 22.77 10.44 -4.07
CA SER A 255 23.49 11.70 -3.96
CA SER A 255 23.23 11.78 -3.75
C SER A 255 23.26 12.58 -2.73
C SER A 255 22.26 12.46 -2.80
N GLY A 256 22.07 12.54 -2.13
N GLY A 256 20.97 12.15 -2.94
CA GLY A 256 21.77 13.42 -1.02
CA GLY A 256 19.93 12.80 -2.15
C GLY A 256 21.36 14.82 -1.40
C GLY A 256 19.83 14.29 -2.36
N LYS A 257 20.82 15.01 -2.60
N LYS A 257 20.52 14.84 -3.36
CA LYS A 257 20.38 16.32 -3.09
CA LYS A 257 20.38 16.26 -3.66
C LYS A 257 18.94 16.23 -3.61
C LYS A 257 18.94 16.51 -4.10
N VAL A 258 18.18 17.28 -3.32
CA VAL A 258 16.76 17.44 -3.62
C VAL A 258 16.49 18.93 -3.78
N ARG A 259 15.76 19.31 -4.82
CA ARG A 259 15.34 20.69 -5.06
C ARG A 259 13.85 20.81 -4.80
N PHE A 260 13.45 21.88 -4.07
CA PHE A 260 12.05 22.08 -3.71
C PHE A 260 11.41 23.22 -4.51
N PRO A 261 10.17 23.07 -4.98
CA PRO A 261 9.47 24.20 -5.62
C PRO A 261 9.35 25.38 -4.66
N SER A 262 9.32 26.60 -5.23
CA SER A 262 9.24 27.80 -4.41
C SER A 262 7.93 27.86 -3.62
N HIS A 263 6.87 27.24 -4.12
CA HIS A 263 5.59 27.33 -3.41
C HIS A 263 5.52 26.45 -2.17
N PHE A 264 6.46 25.52 -1.97
CA PHE A 264 6.47 24.74 -0.73
C PHE A 264 6.65 25.64 0.48
N SER A 265 5.88 25.38 1.53
CA SER A 265 6.08 26.08 2.81
C SER A 265 7.43 25.69 3.43
N SER A 266 7.94 26.55 4.29
CA SER A 266 9.17 26.23 5.02
C SER A 266 9.00 24.98 5.88
N ASP A 267 7.83 24.82 6.52
CA ASP A 267 7.61 23.63 7.35
C ASP A 267 7.62 22.36 6.49
N LEU A 268 7.06 22.41 5.28
CA LEU A 268 7.06 21.23 4.42
C LEU A 268 8.49 20.87 4.02
N LYS A 269 9.28 21.86 3.59
CA LYS A 269 10.68 21.60 3.25
C LYS A 269 11.43 20.97 4.43
N ASP A 270 11.23 21.48 5.66
CA ASP A 270 11.93 20.92 6.81
C ASP A 270 11.55 19.45 7.05
N LEU A 271 10.25 19.12 6.98
CA LEU A 271 9.85 17.73 7.17
C LEU A 271 10.47 16.83 6.10
N LEU A 272 10.44 17.28 4.82
CA LEU A 272 10.95 16.46 3.73
C LEU A 272 12.46 16.25 3.83
N ARG A 273 13.22 17.25 4.30
CA ARG A 273 14.66 17.03 4.47
C ARG A 273 14.95 15.94 5.49
N ASN A 274 14.09 15.79 6.51
CA ASN A 274 14.26 14.80 7.55
C ASN A 274 13.71 13.42 7.17
N LEU A 275 12.73 13.33 6.26
CA LEU A 275 12.29 12.04 5.73
C LEU A 275 13.19 11.55 4.60
N LEU A 276 13.61 12.44 3.70
CA LEU A 276 14.54 12.14 2.61
C LEU A 276 15.98 12.29 3.05
N GLN A 277 16.28 11.81 4.25
CA GLN A 277 17.61 11.78 4.84
C GLN A 277 18.33 10.51 4.38
N VAL A 278 19.46 10.68 3.66
CA VAL A 278 20.15 9.52 3.08
C VAL A 278 20.77 8.63 4.16
N ASP A 279 21.14 9.20 5.30
CA ASP A 279 21.67 8.41 6.42
C ASP A 279 20.49 7.84 7.20
N LEU A 280 20.28 6.51 7.12
CA LEU A 280 19.09 5.93 7.76
C LEU A 280 19.11 6.11 9.29
N THR A 281 20.29 6.29 9.91
CA THR A 281 20.36 6.46 11.36
C THR A 281 19.94 7.85 11.81
N LYS A 282 19.71 8.77 10.87
CA LYS A 282 19.30 10.13 11.16
C LYS A 282 17.91 10.43 10.62
N ARG A 283 17.23 9.45 10.05
CA ARG A 283 15.98 9.69 9.33
C ARG A 283 14.78 9.70 10.27
N PHE A 284 13.88 10.68 10.12
CA PHE A 284 12.66 10.73 10.91
C PHE A 284 11.85 9.44 10.74
N GLY A 285 11.29 8.97 11.87
CA GLY A 285 10.66 7.67 11.95
C GLY A 285 11.56 6.56 12.45
N ASN A 286 12.88 6.76 12.41
CA ASN A 286 13.86 5.76 12.82
C ASN A 286 14.71 6.24 13.99
N LEU A 287 14.33 7.34 14.65
CA LEU A 287 15.07 7.84 15.81
C LEU A 287 14.45 7.29 17.11
N LYS A 288 14.99 7.71 18.26
CA LYS A 288 14.51 7.16 19.52
C LYS A 288 13.03 7.47 19.78
N ASN A 289 12.53 8.62 19.32
CA ASN A 289 11.12 8.94 19.51
C ASN A 289 10.21 8.33 18.44
N GLY A 290 10.76 7.56 17.50
CA GLY A 290 9.95 6.84 16.51
C GLY A 290 9.01 7.76 15.73
N VAL A 291 7.76 7.29 15.59
CA VAL A 291 6.78 8.02 14.79
C VAL A 291 6.46 9.38 15.39
N ASN A 292 6.72 9.62 16.68
CA ASN A 292 6.29 10.88 17.26
C ASN A 292 7.12 12.09 16.77
N ASP A 293 8.34 11.87 16.28
CA ASP A 293 9.05 12.98 15.62
C ASP A 293 8.28 13.49 14.40
N ILE A 294 7.53 12.60 13.73
CA ILE A 294 6.72 12.99 12.58
C ILE A 294 5.40 13.61 13.05
N LYS A 295 4.69 12.94 13.96
CA LYS A 295 3.39 13.45 14.42
C LYS A 295 3.49 14.85 15.06
N ASN A 296 4.62 15.16 15.70
CA ASN A 296 4.80 16.43 16.43
C ASN A 296 5.51 17.51 15.61
N HIS A 297 5.85 17.22 14.35
CA HIS A 297 6.49 18.21 13.50
C HIS A 297 5.52 19.35 13.16
N LYS A 298 6.07 20.55 12.97
CA LYS A 298 5.24 21.73 12.68
C LYS A 298 4.33 21.57 11.47
N TRP A 299 4.75 20.82 10.43
CA TRP A 299 3.86 20.68 9.27
C TRP A 299 2.54 20.01 9.64
N PHE A 300 2.50 19.19 10.68
CA PHE A 300 1.30 18.49 11.12
C PHE A 300 0.60 19.19 12.31
N ALA A 301 0.94 20.46 12.59
CA ALA A 301 0.42 21.09 13.81
C ALA A 301 -1.10 21.21 13.80
N THR A 302 -1.72 21.29 12.63
CA THR A 302 -3.17 21.41 12.51
C THR A 302 -3.89 20.05 12.46
N THR A 303 -3.17 18.94 12.55
CA THR A 303 -3.76 17.62 12.39
C THR A 303 -4.30 17.11 13.72
N ASP A 304 -5.59 16.74 13.74
CA ASP A 304 -6.21 16.06 14.86
C ASP A 304 -6.11 14.55 14.60
N TRP A 305 -5.09 13.93 15.21
CA TRP A 305 -4.76 12.53 14.91
C TRP A 305 -5.89 11.57 15.30
N ILE A 306 -6.59 11.82 16.41
CA ILE A 306 -7.70 10.96 16.77
C ILE A 306 -8.89 11.18 15.83
N ALA A 307 -9.14 12.43 15.44
CA ALA A 307 -10.24 12.69 14.50
C ALA A 307 -10.01 12.01 13.14
N ILE A 308 -8.75 11.95 12.68
CA ILE A 308 -8.45 11.26 11.41
C ILE A 308 -8.74 9.77 11.54
N TYR A 309 -8.24 9.15 12.61
CA TYR A 309 -8.44 7.72 12.84
C TYR A 309 -9.93 7.38 12.89
N GLN A 310 -10.73 8.21 13.54
CA GLN A 310 -12.17 8.02 13.67
C GLN A 310 -12.95 8.46 12.44
N ARG A 311 -12.26 9.02 11.43
CA ARG A 311 -12.87 9.40 10.16
C ARG A 311 -13.94 10.49 10.36
N LYS A 312 -13.64 11.45 11.24
CA LYS A 312 -14.56 12.54 11.54
C LYS A 312 -14.19 13.83 10.83
N VAL A 313 -13.09 13.85 10.08
CA VAL A 313 -12.63 15.02 9.36
C VAL A 313 -13.22 15.03 7.94
N GLU A 314 -13.73 16.18 7.51
CA GLU A 314 -14.26 16.30 6.15
C GLU A 314 -13.13 16.21 5.12
N ALA A 315 -13.31 15.35 4.12
CA ALA A 315 -12.24 15.08 3.15
C ALA A 315 -12.15 16.19 2.10
N PRO A 316 -10.97 16.32 1.46
CA PRO A 316 -10.83 17.34 0.41
C PRO A 316 -11.78 17.16 -0.74
N PHE A 317 -12.08 15.91 -1.13
CA PHE A 317 -13.08 15.69 -2.15
C PHE A 317 -13.60 14.27 -2.08
N ILE A 318 -14.80 14.09 -2.60
CA ILE A 318 -15.46 12.79 -2.69
C ILE A 318 -15.42 12.37 -4.15
N PRO A 319 -14.92 11.19 -4.47
CA PRO A 319 -14.92 10.73 -5.86
C PRO A 319 -16.34 10.62 -6.40
N LYS A 320 -16.48 10.93 -7.69
CA LYS A 320 -17.75 10.81 -8.41
C LYS A 320 -17.94 9.37 -8.88
N PHE A 321 -18.98 8.72 -8.38
CA PHE A 321 -19.36 7.40 -8.87
C PHE A 321 -20.85 7.18 -8.59
N LYS A 322 -21.45 6.22 -9.31
CA LYS A 322 -22.90 6.06 -9.34
C LYS A 322 -23.43 5.01 -8.37
N GLY A 323 -22.60 4.05 -7.97
CA GLY A 323 -23.00 3.03 -7.03
C GLY A 323 -21.86 2.06 -6.74
N PRO A 324 -22.14 1.02 -5.95
CA PRO A 324 -21.07 0.09 -5.54
C PRO A 324 -20.45 -0.71 -6.68
N GLY A 325 -21.11 -0.85 -7.83
CA GLY A 325 -20.55 -1.56 -8.97
C GLY A 325 -20.01 -0.68 -10.09
N ASP A 326 -19.97 0.65 -9.89
N ASP A 326 -19.94 0.65 -9.87
CA ASP A 326 -19.49 1.56 -10.92
CA ASP A 326 -19.45 1.58 -10.87
C ASP A 326 -17.98 1.40 -11.11
C ASP A 326 -17.95 1.40 -11.10
N THR A 327 -17.56 1.24 -12.37
CA THR A 327 -16.15 1.07 -12.75
C THR A 327 -15.56 2.28 -13.48
N SER A 328 -16.26 3.41 -13.50
N SER A 328 -16.27 3.41 -13.48
CA SER A 328 -15.84 4.57 -14.29
CA SER A 328 -15.85 4.58 -14.26
C SER A 328 -14.56 5.25 -13.79
C SER A 328 -14.48 5.09 -13.85
N ASN A 329 -14.11 4.95 -12.57
CA ASN A 329 -12.87 5.52 -12.07
C ASN A 329 -11.66 4.60 -12.31
N PHE A 330 -11.85 3.46 -12.97
CA PHE A 330 -10.78 2.57 -13.41
C PHE A 330 -10.79 2.50 -14.93
N ASP A 331 -9.72 1.95 -15.52
CA ASP A 331 -9.51 2.08 -16.96
C ASP A 331 -9.79 0.77 -17.70
N ASP A 332 -9.62 0.76 -19.03
CA ASP A 332 -10.05 -0.35 -19.88
C ASP A 332 -8.89 -1.24 -20.31
N TYR A 333 -9.07 -2.56 -20.14
CA TYR A 333 -8.08 -3.56 -20.49
C TYR A 333 -8.71 -4.64 -21.36
N GLU A 334 -7.90 -5.27 -22.20
CA GLU A 334 -8.36 -6.43 -22.94
C GLU A 334 -8.88 -7.52 -22.00
N GLU A 335 -10.06 -8.06 -22.30
CA GLU A 335 -10.69 -9.08 -21.46
C GLU A 335 -10.23 -10.46 -21.90
N GLU A 336 -9.50 -11.16 -21.02
CA GLU A 336 -8.92 -12.46 -21.32
C GLU A 336 -9.54 -13.54 -20.43
N GLU A 337 -9.43 -14.80 -20.89
CA GLU A 337 -9.99 -15.93 -20.14
C GLU A 337 -9.30 -16.12 -18.78
N ILE A 338 -10.02 -16.72 -17.85
CA ILE A 338 -9.46 -17.31 -16.64
C ILE A 338 -9.45 -18.80 -16.88
N ARG A 339 -8.39 -19.29 -17.54
CA ARG A 339 -8.25 -20.72 -17.82
C ARG A 339 -7.80 -21.47 -16.58
N VAL A 340 -8.42 -22.61 -16.35
CA VAL A 340 -8.06 -23.48 -15.23
C VAL A 340 -7.77 -24.87 -15.79
N ILE A 342 -6.62 -28.86 -16.50
CA ILE A 342 -7.12 -30.15 -16.04
C ILE A 342 -6.19 -30.75 -14.99
N ASN A 343 -4.93 -30.32 -14.99
CA ASN A 343 -3.92 -30.83 -14.08
C ASN A 343 -3.45 -29.75 -13.11
N GLU A 344 -3.08 -30.18 -11.90
CA GLU A 344 -2.60 -29.25 -10.88
C GLU A 344 -1.19 -28.78 -11.20
N LYS A 345 -0.88 -27.55 -10.79
CA LYS A 345 0.42 -26.94 -11.02
C LYS A 345 0.97 -26.43 -9.69
N CYS A 346 2.24 -26.72 -9.42
CA CYS A 346 2.99 -26.13 -8.30
C CYS A 346 2.29 -26.34 -6.95
N GLY A 347 1.70 -27.53 -6.77
CA GLY A 347 0.99 -27.79 -5.53
C GLY A 347 1.86 -27.71 -4.29
N LYS A 348 3.08 -28.24 -4.37
CA LYS A 348 3.97 -28.27 -3.20
C LYS A 348 4.32 -26.85 -2.76
N GLU A 349 4.59 -25.96 -3.71
CA GLU A 349 5.06 -24.62 -3.38
C GLU A 349 4.01 -23.83 -2.62
N PHE A 350 2.73 -24.07 -2.89
CA PHE A 350 1.67 -23.23 -2.37
C PHE A 350 0.75 -23.98 -1.40
N THR A 351 1.28 -25.03 -0.75
CA THR A 351 0.47 -25.82 0.18
C THR A 351 -0.15 -24.97 1.30
N GLU A 352 0.59 -23.98 1.81
CA GLU A 352 0.05 -23.20 2.92
C GLU A 352 -0.99 -22.16 2.49
N PHE A 353 -1.12 -21.88 1.19
CA PHE A 353 -2.05 -20.83 0.75
C PHE A 353 -3.51 -21.22 1.03
#